data_5LBD
#
_entry.id   5LBD
#
_cell.length_a   38.800
_cell.length_b   65.191
_cell.length_c   85.590
_cell.angle_alpha   90.00
_cell.angle_beta   90.00
_cell.angle_gamma   90.00
#
_symmetry.space_group_name_H-M   'P 2 21 21'
#
loop_
_entity.id
_entity.type
_entity.pdbx_description
1 polymer 'Copper-transporting ATPase PAA1, chloroplastic'
2 non-polymer 'IODIDE ION'
3 non-polymer 'AMMONIUM ION'
4 non-polymer 'CHLORIDE ION'
5 non-polymer 1,2-ETHANEDIOL
6 water water
#
_entity_poly.entity_id   1
_entity_poly.type   'polypeptide(L)'
_entity_poly.pdbx_seq_one_letter_code
;GASHPVVTEVIIPENPRHNLNDTWSEVEVL(MSE)LAAAVESNTTHPVGKAIVKAARARNCQT(MSE)KAEDGTFTEEPG
SGAVAIVNNKRVTVGTLEWVKRHGATGNSLLALAAHEINNQSVVYIGVDNTLAAVIRFE
;
_entity_poly.pdbx_strand_id   A,B
#
# COMPACT_ATOMS: atom_id res chain seq x y z
N SER A 3 -17.82 3.21 22.67
CA SER A 3 -16.93 3.66 23.73
C SER A 3 -15.62 2.91 23.67
N HIS A 4 -15.66 1.69 24.19
CA HIS A 4 -14.49 0.83 24.30
C HIS A 4 -14.52 -0.22 23.20
N PRO A 5 -13.88 0.01 22.05
CA PRO A 5 -14.04 -0.94 20.93
C PRO A 5 -13.51 -2.31 21.30
N VAL A 6 -14.24 -3.34 20.90
N VAL A 6 -14.25 -3.34 20.89
CA VAL A 6 -13.81 -4.72 21.06
CA VAL A 6 -13.85 -4.73 21.06
C VAL A 6 -14.13 -5.48 19.78
C VAL A 6 -14.13 -5.46 19.76
N VAL A 7 -13.19 -6.32 19.36
CA VAL A 7 -13.41 -7.18 18.22
C VAL A 7 -14.58 -8.10 18.52
N THR A 8 -15.56 -8.16 17.61
CA THR A 8 -16.66 -9.09 17.82
C THR A 8 -16.70 -10.19 16.79
N GLU A 9 -16.36 -9.89 15.54
CA GLU A 9 -16.50 -10.87 14.48
C GLU A 9 -15.38 -10.67 13.47
N VAL A 10 -14.81 -11.77 13.03
CA VAL A 10 -13.87 -11.78 11.92
C VAL A 10 -14.51 -12.61 10.81
N ILE A 11 -14.69 -12.00 9.63
CA ILE A 11 -15.36 -12.64 8.51
C ILE A 11 -14.36 -12.90 7.40
N ILE A 12 -14.36 -14.12 6.87
CA ILE A 12 -13.34 -14.61 5.94
C ILE A 12 -14.02 -15.03 4.64
N PRO A 13 -13.52 -14.61 3.47
CA PRO A 13 -14.09 -15.03 2.18
C PRO A 13 -13.49 -16.32 1.64
N THR A 23 -5.15 -18.23 1.49
CA THR A 23 -6.31 -18.23 2.39
C THR A 23 -5.88 -18.18 3.86
N TRP A 24 -6.58 -17.40 4.68
CA TRP A 24 -6.17 -17.14 6.05
C TRP A 24 -7.35 -17.39 6.97
N SER A 25 -7.07 -17.97 8.13
CA SER A 25 -8.12 -18.23 9.09
C SER A 25 -8.44 -16.95 9.87
N GLU A 26 -9.51 -17.04 10.67
CA GLU A 26 -9.86 -15.92 11.54
C GLU A 26 -8.71 -15.55 12.46
N VAL A 27 -8.10 -16.55 13.09
N VAL A 27 -8.07 -16.54 13.07
CA VAL A 27 -6.98 -16.28 14.00
CA VAL A 27 -6.99 -16.16 14.00
C VAL A 27 -5.80 -15.68 13.25
C VAL A 27 -5.75 -15.68 13.26
N GLU A 28 -5.48 -16.23 12.08
CA GLU A 28 -4.34 -15.73 11.33
C GLU A 28 -4.54 -14.30 10.90
N VAL A 29 -5.77 -13.95 10.48
CA VAL A 29 -6.08 -12.57 10.09
C VAL A 29 -5.87 -11.64 11.27
N LEU A 30 -6.31 -12.04 12.45
CA LEU A 30 -6.10 -11.22 13.63
C LEU A 30 -4.62 -11.04 13.94
N LEU A 32 -2.06 -11.24 11.81
CA LEU A 32 -1.41 -10.39 10.81
C LEU A 32 -1.77 -8.94 11.03
N ALA A 33 -3.05 -8.67 11.28
CA ALA A 33 -3.45 -7.28 11.50
C ALA A 33 -2.81 -6.71 12.77
N ALA A 34 -2.72 -7.52 13.82
CA ALA A 34 -2.08 -7.05 15.03
C ALA A 34 -0.62 -6.71 14.81
N ALA A 35 0.08 -7.43 13.92
CA ALA A 35 1.46 -7.11 13.65
C ALA A 35 1.60 -5.71 13.04
N VAL A 36 0.66 -5.36 12.16
CA VAL A 36 0.63 -4.01 11.61
C VAL A 36 0.34 -3.00 12.71
N GLU A 37 -0.65 -3.30 13.55
CA GLU A 37 -1.18 -2.39 14.56
C GLU A 37 -0.40 -2.38 15.87
N SER A 38 0.72 -3.11 15.96
CA SER A 38 1.31 -3.47 17.26
C SER A 38 1.60 -2.27 18.14
N ASN A 39 2.07 -1.15 17.59
CA ASN A 39 2.45 -0.01 18.40
C ASN A 39 1.42 1.11 18.38
N THR A 40 0.22 0.87 17.86
CA THR A 40 -0.72 1.97 17.69
C THR A 40 -1.26 2.41 19.03
N THR A 41 -1.59 3.71 19.09
CA THR A 41 -2.38 4.25 20.18
C THR A 41 -3.86 4.33 19.82
N HIS A 42 -4.25 4.05 18.58
CA HIS A 42 -5.66 4.17 18.20
C HIS A 42 -6.49 3.09 18.90
N PRO A 43 -7.62 3.42 19.49
CA PRO A 43 -8.42 2.39 20.18
C PRO A 43 -8.83 1.20 19.31
N VAL A 44 -9.18 1.39 18.05
CA VAL A 44 -9.56 0.22 17.26
C VAL A 44 -8.36 -0.70 17.04
N GLY A 45 -7.19 -0.11 16.78
CA GLY A 45 -6.01 -0.92 16.60
C GLY A 45 -5.62 -1.65 17.87
N LYS A 46 -5.74 -0.98 19.01
CA LYS A 46 -5.46 -1.63 20.27
C LYS A 46 -6.41 -2.79 20.51
N ALA A 47 -7.65 -2.67 20.06
CA ALA A 47 -8.60 -3.77 20.20
C ALA A 47 -8.17 -4.98 19.39
N ILE A 48 -7.66 -4.76 18.16
CA ILE A 48 -7.12 -5.86 17.35
C ILE A 48 -5.94 -6.52 18.07
N VAL A 49 -5.00 -5.71 18.56
CA VAL A 49 -3.86 -6.24 19.27
C VAL A 49 -4.30 -7.10 20.46
N LYS A 50 -5.26 -6.61 21.25
CA LYS A 50 -5.72 -7.34 22.42
C LYS A 50 -6.32 -8.68 22.01
N ALA A 51 -7.16 -8.66 20.99
CA ALA A 51 -7.85 -9.88 20.57
C ALA A 51 -6.86 -10.91 20.04
N ALA A 52 -5.77 -10.47 19.45
CA ALA A 52 -4.81 -11.30 18.74
C ALA A 52 -3.71 -11.85 19.62
N ARG A 53 -3.60 -11.43 20.87
CA ARG A 53 -2.53 -11.88 21.74
C ARG A 53 -2.49 -13.41 21.77
N ALA A 54 -1.31 -13.98 21.64
CA ALA A 54 -1.16 -15.43 21.62
C ALA A 54 0.14 -15.73 22.33
N ARG A 55 0.05 -15.96 23.64
CA ARG A 55 1.28 -16.14 24.40
C ARG A 55 2.03 -17.39 23.97
N ASN A 56 1.33 -18.30 23.30
CA ASN A 56 1.86 -19.60 22.92
C ASN A 56 2.41 -19.63 21.49
N CYS A 57 2.40 -18.51 20.77
CA CYS A 57 2.75 -18.50 19.35
C CYS A 57 3.99 -17.63 19.12
N GLN A 58 4.82 -18.07 18.16
CA GLN A 58 5.91 -17.24 17.66
C GLN A 58 5.33 -15.99 17.00
N THR A 59 5.45 -14.86 17.68
CA THR A 59 4.81 -13.64 17.21
C THR A 59 5.35 -13.24 15.85
N LYS A 61 6.04 -10.40 13.23
CA LYS A 61 6.36 -8.99 13.37
C LYS A 61 6.44 -8.31 12.02
N ALA A 62 6.05 -7.04 12.02
CA ALA A 62 6.28 -6.19 10.88
C ALA A 62 7.78 -5.99 10.67
N GLU A 63 8.15 -5.88 9.41
CA GLU A 63 9.55 -5.58 9.10
C GLU A 63 9.88 -4.18 9.59
N ASP A 64 11.08 -4.02 10.12
CA ASP A 64 11.47 -2.72 10.65
C ASP A 64 11.40 -1.66 9.57
N GLY A 65 10.79 -0.53 9.91
CA GLY A 65 10.72 0.60 9.02
C GLY A 65 9.66 0.54 7.94
N THR A 66 8.84 -0.51 7.88
N THR A 66 8.84 -0.50 7.92
CA THR A 66 7.83 -0.63 6.84
CA THR A 66 7.84 -0.65 6.86
C THR A 66 6.45 -0.15 7.26
C THR A 66 6.47 -0.10 7.25
N PHE A 67 6.22 0.14 8.53
CA PHE A 67 4.91 0.62 8.96
C PHE A 67 4.64 2.01 8.39
N THR A 68 3.48 2.16 7.79
CA THR A 68 3.05 3.35 7.07
C THR A 68 1.57 3.54 7.35
N GLU A 69 1.16 4.78 7.58
CA GLU A 69 -0.24 5.01 7.92
C GLU A 69 -0.71 6.33 7.32
N GLU A 70 -1.96 6.38 6.89
CA GLU A 70 -2.61 7.64 6.53
C GLU A 70 -3.81 7.77 7.47
N PRO A 71 -3.77 8.65 8.45
CA PRO A 71 -4.83 8.67 9.48
C PRO A 71 -6.22 8.78 8.88
N GLY A 72 -7.13 7.94 9.36
CA GLY A 72 -8.47 7.96 8.86
C GLY A 72 -8.72 7.06 7.66
N SER A 73 -7.66 6.57 7.02
CA SER A 73 -7.75 5.66 5.91
C SER A 73 -7.22 4.28 6.24
N GLY A 74 -5.98 4.16 6.73
CA GLY A 74 -5.51 2.86 7.16
C GLY A 74 -4.03 2.86 7.40
N ALA A 75 -3.53 1.65 7.66
CA ALA A 75 -2.12 1.38 7.87
C ALA A 75 -1.71 0.18 7.03
N VAL A 76 -0.40 0.04 6.86
CA VAL A 76 0.20 -1.05 6.11
C VAL A 76 1.58 -1.34 6.67
N ALA A 77 2.00 -2.60 6.63
CA ALA A 77 3.36 -2.97 6.96
C ALA A 77 3.64 -4.26 6.22
N ILE A 78 4.89 -4.65 6.16
CA ILE A 78 5.26 -5.95 5.66
C ILE A 78 5.33 -6.88 6.85
N VAL A 79 4.58 -7.97 6.78
CA VAL A 79 4.59 -8.97 7.84
C VAL A 79 4.90 -10.30 7.21
N ASN A 80 6.01 -10.92 7.64
CA ASN A 80 6.48 -12.17 7.07
C ASN A 80 6.35 -12.15 5.56
N ASN A 81 6.93 -11.11 4.95
CA ASN A 81 7.05 -10.98 3.51
C ASN A 81 5.72 -10.73 2.80
N LYS A 82 4.68 -10.34 3.53
CA LYS A 82 3.41 -10.03 2.93
C LYS A 82 3.07 -8.57 3.19
N ARG A 83 2.44 -7.90 2.19
CA ARG A 83 1.94 -6.55 2.39
C ARG A 83 0.57 -6.62 3.05
N VAL A 84 0.49 -6.26 4.31
CA VAL A 84 -0.73 -6.42 5.11
C VAL A 84 -1.30 -5.03 5.34
N THR A 85 -2.54 -4.81 4.90
CA THR A 85 -3.22 -3.54 5.06
C THR A 85 -4.35 -3.70 6.07
N VAL A 86 -4.59 -2.65 6.84
CA VAL A 86 -5.63 -2.59 7.84
C VAL A 86 -6.31 -1.24 7.70
N GLY A 87 -7.56 -1.22 7.26
CA GLY A 87 -8.21 0.08 7.12
C GLY A 87 -9.53 0.02 6.39
N THR A 88 -9.89 1.15 5.80
CA THR A 88 -11.14 1.20 5.06
C THR A 88 -11.08 0.28 3.85
N LEU A 89 -12.27 0.00 3.31
CA LEU A 89 -12.33 -0.75 2.07
C LEU A 89 -11.58 -0.04 0.95
N GLU A 90 -11.71 1.29 0.88
CA GLU A 90 -10.99 2.06 -0.14
C GLU A 90 -9.50 1.90 0.01
N TRP A 91 -9.01 1.91 1.25
CA TRP A 91 -7.57 1.78 1.53
C TRP A 91 -7.04 0.44 1.07
N VAL A 92 -7.72 -0.63 1.45
N VAL A 92 -7.73 -0.64 1.39
CA VAL A 92 -7.30 -1.98 1.08
CA VAL A 92 -7.20 -1.94 1.04
C VAL A 92 -7.27 -2.11 -0.43
C VAL A 92 -7.29 -2.18 -0.46
N LYS A 93 -8.34 -1.67 -1.11
CA LYS A 93 -8.41 -1.74 -2.57
C LYS A 93 -7.31 -0.91 -3.23
N ARG A 94 -7.02 0.26 -2.67
CA ARG A 94 -6.00 1.11 -3.27
C ARG A 94 -4.65 0.42 -3.25
N HIS A 95 -4.43 -0.37 -2.22
CA HIS A 95 -3.22 -1.15 -2.08
C HIS A 95 -3.25 -2.49 -2.84
N GLY A 96 -4.26 -2.72 -3.70
CA GLY A 96 -4.18 -3.81 -4.63
C GLY A 96 -5.14 -4.95 -4.38
N ALA A 97 -5.94 -4.90 -3.33
CA ALA A 97 -6.89 -5.97 -3.08
C ALA A 97 -8.09 -5.84 -4.00
N THR A 98 -8.64 -6.96 -4.42
CA THR A 98 -9.85 -6.87 -5.23
C THR A 98 -11.07 -6.93 -4.33
N GLY A 99 -12.10 -6.15 -4.68
CA GLY A 99 -13.27 -5.99 -3.84
C GLY A 99 -14.11 -7.25 -3.75
N ASN A 100 -15.07 -7.21 -2.82
CA ASN A 100 -15.97 -8.35 -2.58
C ASN A 100 -17.24 -7.79 -1.93
N SER A 101 -18.26 -7.53 -2.74
CA SER A 101 -19.46 -6.89 -2.20
C SER A 101 -20.06 -7.73 -1.07
N LEU A 102 -19.89 -9.06 -1.12
CA LEU A 102 -20.48 -9.87 -0.06
C LEU A 102 -19.78 -9.66 1.27
N LEU A 103 -18.48 -9.40 1.26
CA LEU A 103 -17.78 -9.18 2.52
C LEU A 103 -18.34 -7.96 3.24
N ALA A 104 -18.55 -6.87 2.51
CA ALA A 104 -19.19 -5.70 3.11
C ALA A 104 -20.60 -6.02 3.64
N LEU A 105 -21.42 -6.70 2.83
CA LEU A 105 -22.77 -7.03 3.29
C LEU A 105 -22.75 -7.97 4.49
N ALA A 106 -21.79 -8.88 4.54
CA ALA A 106 -21.73 -9.79 5.68
C ALA A 106 -21.40 -9.03 6.96
N ALA A 107 -20.78 -7.86 6.83
CA ALA A 107 -20.31 -7.07 7.97
C ALA A 107 -21.36 -6.12 8.54
N HIS A 108 -22.30 -5.65 7.73
CA HIS A 108 -23.35 -4.79 8.25
C HIS A 108 -24.67 -5.54 8.17
N SER A 114 -17.95 -0.10 14.44
N SER A 114 -17.02 0.48 14.29
CA SER A 114 -17.19 0.13 13.22
CA SER A 114 -17.60 -0.04 13.07
C SER A 114 -16.62 -1.15 12.64
C SER A 114 -16.77 -1.21 12.56
N VAL A 115 -16.01 -1.06 11.46
CA VAL A 115 -15.38 -2.19 10.80
C VAL A 115 -14.06 -1.77 10.21
N VAL A 116 -13.21 -2.78 9.99
N VAL A 116 -13.15 -2.72 10.10
CA VAL A 116 -11.89 -2.64 9.40
CA VAL A 116 -11.94 -2.54 9.31
C VAL A 116 -11.66 -3.79 8.42
C VAL A 116 -11.80 -3.73 8.35
N TYR A 117 -11.16 -3.45 7.22
CA TYR A 117 -10.85 -4.46 6.22
C TYR A 117 -9.37 -4.79 6.28
N ILE A 118 -9.06 -6.01 5.93
CA ILE A 118 -7.71 -6.54 5.94
C ILE A 118 -7.37 -7.00 4.54
N GLY A 119 -6.30 -6.44 3.97
CA GLY A 119 -5.74 -6.94 2.75
C GLY A 119 -4.43 -7.66 3.03
N VAL A 120 -4.15 -8.68 2.22
CA VAL A 120 -2.88 -9.40 2.27
C VAL A 120 -2.41 -9.53 0.83
N ASP A 121 -1.35 -8.80 0.49
CA ASP A 121 -0.91 -8.69 -0.90
C ASP A 121 -2.10 -8.26 -1.78
N ASN A 122 -2.48 -9.03 -2.78
CA ASN A 122 -3.57 -8.61 -3.66
C ASN A 122 -4.90 -9.23 -3.30
N THR A 123 -5.03 -9.74 -2.08
CA THR A 123 -6.23 -10.45 -1.64
C THR A 123 -6.97 -9.64 -0.57
N LEU A 124 -8.26 -9.50 -0.74
CA LEU A 124 -9.08 -8.96 0.35
C LEU A 124 -9.34 -10.14 1.26
N ALA A 125 -8.69 -10.12 2.42
CA ALA A 125 -8.60 -11.28 3.29
C ALA A 125 -9.74 -11.38 4.29
N ALA A 126 -10.27 -10.26 4.77
CA ALA A 126 -11.18 -10.32 5.88
C ALA A 126 -11.82 -8.96 6.13
N VAL A 127 -12.90 -9.00 6.89
CA VAL A 127 -13.44 -7.79 7.49
C VAL A 127 -13.55 -8.10 8.98
N ILE A 128 -13.23 -7.13 9.81
CA ILE A 128 -13.35 -7.26 11.26
C ILE A 128 -14.41 -6.28 11.74
N ARG A 129 -15.36 -6.77 12.51
CA ARG A 129 -16.41 -5.96 13.11
C ARG A 129 -16.11 -5.73 14.58
N PHE A 130 -16.45 -4.54 15.06
CA PHE A 130 -16.25 -4.10 16.44
C PHE A 130 -17.57 -3.63 17.01
N GLU A 131 -17.80 -3.91 18.28
CA GLU A 131 -18.96 -3.37 18.98
C GLU A 131 -18.49 -2.67 20.25
N SER B 3 16.41 4.78 6.35
CA SER B 3 16.92 6.00 5.77
C SER B 3 15.77 7.01 5.56
N HIS B 4 16.14 8.22 5.14
CA HIS B 4 15.19 9.29 4.84
C HIS B 4 15.61 9.90 3.52
N PRO B 5 15.53 9.15 2.42
CA PRO B 5 15.97 9.68 1.14
C PRO B 5 15.12 10.88 0.73
N VAL B 6 15.67 11.68 -0.17
CA VAL B 6 14.96 12.82 -0.73
C VAL B 6 15.19 12.77 -2.23
N VAL B 7 14.18 13.18 -3.01
CA VAL B 7 14.34 13.24 -4.46
C VAL B 7 15.33 14.34 -4.78
N THR B 8 16.37 14.00 -5.53
CA THR B 8 17.34 15.00 -5.97
C THR B 8 17.21 15.15 -7.49
N GLU B 9 18.17 14.68 -8.27
CA GLU B 9 18.10 14.86 -9.71
C GLU B 9 16.95 14.08 -10.32
N VAL B 10 16.23 14.73 -11.23
CA VAL B 10 15.20 14.13 -12.05
C VAL B 10 15.54 14.38 -13.51
N ILE B 11 15.57 13.31 -14.31
CA ILE B 11 15.95 13.38 -15.72
C ILE B 11 14.79 12.88 -16.56
N ILE B 12 14.38 13.66 -17.55
CA ILE B 12 13.38 13.27 -18.54
C ILE B 12 14.13 12.86 -19.81
N PRO B 13 14.04 11.59 -20.23
CA PRO B 13 14.79 11.16 -21.42
C PRO B 13 14.37 11.90 -22.68
N GLU B 14 15.31 12.01 -23.62
CA GLU B 14 15.05 12.63 -24.90
C GLU B 14 14.42 14.00 -24.74
N THR B 23 4.40 12.39 -24.10
CA THR B 23 5.44 13.09 -23.36
C THR B 23 4.87 13.63 -22.04
N TRP B 24 5.68 13.62 -20.99
CA TRP B 24 5.26 13.98 -19.66
C TRP B 24 6.30 14.91 -19.05
N SER B 25 5.84 15.93 -18.32
CA SER B 25 6.74 16.86 -17.67
C SER B 25 7.26 16.26 -16.37
N GLU B 26 8.24 16.95 -15.79
N GLU B 26 8.26 16.92 -15.80
CA GLU B 26 8.80 16.49 -14.52
CA GLU B 26 8.77 16.45 -14.52
C GLU B 26 7.72 16.43 -13.43
C GLU B 26 7.65 16.38 -13.48
N VAL B 27 6.85 17.44 -13.37
CA VAL B 27 5.79 17.44 -12.36
C VAL B 27 4.80 16.32 -12.63
N GLU B 28 4.41 16.14 -13.90
CA GLU B 28 3.45 15.11 -14.23
C GLU B 28 3.99 13.72 -13.89
N VAL B 29 5.27 13.47 -14.17
N VAL B 29 5.27 13.47 -14.16
CA VAL B 29 5.81 12.15 -13.89
CA VAL B 29 5.80 12.13 -13.89
C VAL B 29 5.87 11.92 -12.40
C VAL B 29 5.92 11.89 -12.40
N LEU B 30 6.27 12.93 -11.63
CA LEU B 30 6.34 12.77 -10.17
C LEU B 30 4.96 12.48 -9.61
N LEU B 32 2.37 11.07 -11.19
CA LEU B 32 1.97 9.72 -11.58
C LEU B 32 2.69 8.71 -10.72
N ALA B 33 3.99 8.88 -10.54
CA ALA B 33 4.73 7.94 -9.72
C ALA B 33 4.23 7.93 -8.27
N ALA B 34 3.85 9.10 -7.72
CA ALA B 34 3.37 9.16 -6.36
C ALA B 34 2.07 8.38 -6.19
N ALA B 35 1.24 8.34 -7.23
CA ALA B 35 0.01 7.57 -7.16
C ALA B 35 0.30 6.09 -6.99
N VAL B 36 1.41 5.61 -7.56
CA VAL B 36 1.85 4.24 -7.31
C VAL B 36 2.50 4.13 -5.95
N GLU B 37 3.43 5.05 -5.66
CA GLU B 37 4.31 4.90 -4.50
C GLU B 37 3.62 5.24 -3.18
N SER B 38 2.46 5.88 -3.22
CA SER B 38 1.72 6.05 -1.99
C SER B 38 1.24 4.71 -1.44
N ASN B 39 1.41 3.63 -2.19
CA ASN B 39 1.00 2.31 -1.71
C ASN B 39 2.15 1.40 -1.35
N THR B 40 3.39 1.86 -1.51
N THR B 40 3.39 1.86 -1.47
CA THR B 40 4.54 1.09 -1.06
CA THR B 40 4.54 1.07 -1.07
C THR B 40 4.83 1.33 0.42
C THR B 40 5.04 1.49 0.31
N THR B 41 5.78 0.58 0.94
CA THR B 41 6.28 0.77 2.29
C THR B 41 7.73 1.29 2.32
N HIS B 42 8.42 1.36 1.15
CA HIS B 42 9.85 1.57 1.27
C HIS B 42 10.20 3.05 1.26
N PRO B 43 11.36 3.41 1.82
CA PRO B 43 11.69 4.84 1.97
C PRO B 43 11.68 5.63 0.67
N VAL B 44 12.19 5.07 -0.43
CA VAL B 44 12.21 5.81 -1.70
C VAL B 44 10.79 6.18 -2.11
N GLY B 45 9.82 5.34 -1.81
CA GLY B 45 8.46 5.65 -2.16
C GLY B 45 7.94 6.84 -1.39
N LYS B 46 8.26 6.91 -0.09
CA LYS B 46 7.85 8.04 0.72
C LYS B 46 8.48 9.32 0.22
N ALA B 47 9.70 9.22 -0.35
CA ALA B 47 10.39 10.41 -0.86
C ALA B 47 9.70 10.95 -2.12
N ILE B 48 9.27 10.06 -3.00
CA ILE B 48 8.54 10.48 -4.18
C ILE B 48 7.21 11.10 -3.79
N VAL B 49 6.51 10.48 -2.84
CA VAL B 49 5.23 11.02 -2.41
C VAL B 49 5.39 12.43 -1.83
N LYS B 50 6.42 12.63 -1.00
CA LYS B 50 6.69 13.93 -0.41
C LYS B 50 7.02 14.97 -1.46
N ALA B 51 7.86 14.61 -2.45
CA ALA B 51 8.23 15.56 -3.50
C ALA B 51 7.05 15.94 -4.38
N ALA B 52 6.07 15.06 -4.51
CA ALA B 52 5.02 15.21 -5.50
C ALA B 52 3.75 15.79 -4.92
N ARG B 53 3.69 16.03 -3.64
CA ARG B 53 2.45 16.52 -3.04
C ARG B 53 2.12 17.89 -3.60
N ALA B 54 0.85 18.09 -3.93
CA ALA B 54 0.39 19.33 -4.55
C ALA B 54 -0.98 19.64 -3.96
N ARG B 55 -1.02 20.61 -3.07
CA ARG B 55 -2.23 20.97 -2.37
C ARG B 55 -3.28 21.56 -3.31
N ASN B 56 -2.89 21.95 -4.50
CA ASN B 56 -3.78 22.61 -5.45
C ASN B 56 -4.29 21.68 -6.54
N CYS B 57 -4.09 20.37 -6.41
CA CYS B 57 -4.45 19.40 -7.45
C CYS B 57 -5.27 18.26 -6.86
N GLN B 58 -6.23 17.75 -7.65
CA GLN B 58 -6.93 16.53 -7.28
C GLN B 58 -5.91 15.41 -7.03
N THR B 59 -6.05 14.71 -5.90
CA THR B 59 -5.14 13.62 -5.59
C THR B 59 -5.43 12.44 -6.51
N LYS B 61 -5.05 8.51 -7.68
CA LYS B 61 -5.00 7.24 -6.97
C LYS B 61 -4.80 6.08 -7.94
N ALA B 62 -4.15 5.05 -7.43
CA ALA B 62 -4.11 3.77 -8.14
C ALA B 62 -5.51 3.22 -8.24
N GLU B 63 -5.85 2.76 -9.43
CA GLU B 63 -7.14 2.12 -9.65
C GLU B 63 -7.27 0.90 -8.76
N ASP B 64 -8.45 0.74 -8.18
CA ASP B 64 -8.72 -0.38 -7.29
C ASP B 64 -8.20 -1.69 -7.83
N GLY B 65 -7.45 -2.41 -7.00
CA GLY B 65 -7.01 -3.74 -7.35
C GLY B 65 -5.84 -3.85 -8.28
N THR B 66 -5.29 -2.73 -8.76
CA THR B 66 -4.23 -2.82 -9.74
C THR B 66 -2.83 -2.69 -9.19
N PHE B 67 -2.67 -2.18 -7.98
CA PHE B 67 -1.34 -2.03 -7.40
C PHE B 67 -0.72 -3.37 -7.09
N THR B 68 0.51 -3.55 -7.57
N THR B 68 0.51 -3.59 -7.56
CA THR B 68 1.33 -4.74 -7.35
CA THR B 68 1.26 -4.75 -7.11
C THR B 68 2.74 -4.29 -7.00
C THR B 68 2.73 -4.39 -7.10
N GLU B 69 3.50 -5.17 -6.36
CA GLU B 69 4.87 -4.87 -6.05
C GLU B 69 5.69 -6.16 -6.02
N GLU B 70 6.88 -6.10 -6.61
CA GLU B 70 7.89 -7.15 -6.51
C GLU B 70 9.06 -6.58 -5.73
N PRO B 71 9.24 -6.94 -4.46
CA PRO B 71 10.37 -6.40 -3.69
C PRO B 71 11.68 -6.63 -4.40
N GLY B 72 12.49 -5.57 -4.46
CA GLY B 72 13.77 -5.61 -5.16
C GLY B 72 13.67 -5.25 -6.63
N SER B 73 12.45 -5.11 -7.15
CA SER B 73 12.28 -4.72 -8.54
C SER B 73 11.47 -3.44 -8.68
N GLY B 74 10.24 -3.42 -8.23
CA GLY B 74 9.46 -2.22 -8.34
C GLY B 74 7.99 -2.46 -8.05
N ALA B 75 7.22 -1.44 -8.38
CA ALA B 75 5.77 -1.45 -8.22
C ALA B 75 5.10 -0.97 -9.49
N VAL B 76 3.82 -1.29 -9.63
CA VAL B 76 3.04 -0.90 -10.79
C VAL B 76 1.60 -0.68 -10.34
N ALA B 77 0.90 0.21 -11.04
CA ALA B 77 -0.54 0.30 -10.90
C ALA B 77 -1.08 0.98 -12.15
N ILE B 78 -2.40 0.98 -12.31
CA ILE B 78 -3.07 1.81 -13.30
C ILE B 78 -3.48 3.11 -12.64
N VAL B 79 -3.08 4.23 -13.23
CA VAL B 79 -3.40 5.56 -12.73
C VAL B 79 -4.02 6.33 -13.87
N ASN B 80 -5.28 6.74 -13.71
CA ASN B 80 -6.00 7.46 -14.76
C ASN B 80 -5.79 6.80 -16.12
N ASN B 81 -6.01 5.49 -16.17
CA ASN B 81 -5.99 4.69 -17.39
C ASN B 81 -4.61 4.53 -18.00
N LYS B 82 -3.57 4.81 -17.22
CA LYS B 82 -2.19 4.63 -17.64
C LYS B 82 -1.49 3.62 -16.74
N ARG B 83 -0.71 2.72 -17.34
N ARG B 83 -0.71 2.72 -17.34
CA ARG B 83 0.11 1.79 -16.57
CA ARG B 83 0.11 1.79 -16.57
C ARG B 83 1.39 2.50 -16.16
C ARG B 83 1.39 2.49 -16.15
N VAL B 84 1.54 2.75 -14.86
CA VAL B 84 2.67 3.48 -14.31
C VAL B 84 3.53 2.47 -13.54
N THR B 85 4.81 2.39 -13.88
CA THR B 85 5.77 1.56 -13.18
C THR B 85 6.82 2.43 -12.53
N VAL B 86 7.31 1.99 -11.36
CA VAL B 86 8.35 2.67 -10.62
C VAL B 86 9.29 1.58 -10.10
N GLY B 87 10.54 1.61 -10.54
CA GLY B 87 11.50 0.67 -10.00
C GLY B 87 12.77 0.59 -10.84
N THR B 88 13.33 -0.62 -10.90
CA THR B 88 14.56 -0.83 -11.65
C THR B 88 14.27 -0.71 -13.14
N LEU B 89 15.35 -0.50 -13.89
CA LEU B 89 15.22 -0.40 -15.34
C LEU B 89 14.66 -1.68 -15.90
N GLU B 90 15.14 -2.82 -15.38
CA GLU B 90 14.60 -4.11 -15.77
C GLU B 90 13.10 -4.18 -15.53
N TRP B 91 12.66 -3.70 -14.36
CA TRP B 91 11.24 -3.75 -14.03
C TRP B 91 10.41 -2.91 -14.98
N VAL B 92 10.86 -1.68 -15.26
CA VAL B 92 10.08 -0.79 -16.10
C VAL B 92 10.05 -1.33 -17.50
N LYS B 93 11.20 -1.79 -18.00
CA LYS B 93 11.26 -2.29 -19.36
C LYS B 93 10.52 -3.60 -19.46
N ARG B 94 10.55 -4.42 -18.41
CA ARG B 94 9.76 -5.65 -18.39
C ARG B 94 8.27 -5.38 -18.61
N HIS B 95 7.75 -4.25 -18.16
CA HIS B 95 6.36 -3.89 -18.34
C HIS B 95 6.09 -3.09 -19.62
N GLY B 96 7.04 -3.04 -20.53
CA GLY B 96 6.79 -2.51 -21.85
C GLY B 96 7.18 -1.06 -22.03
N ALA B 97 7.77 -0.44 -21.02
CA ALA B 97 8.14 0.97 -21.11
C ALA B 97 9.58 1.02 -21.57
N THR B 98 9.77 0.95 -22.88
CA THR B 98 11.10 0.84 -23.46
C THR B 98 11.52 2.07 -24.25
N GLY B 99 10.60 2.81 -24.80
CA GLY B 99 10.97 3.98 -25.57
C GLY B 99 11.57 5.12 -24.73
N ASN B 100 12.26 6.12 -25.32
CA ASN B 100 12.85 7.33 -24.60
C ASN B 100 12.27 8.62 -25.20
N SER B 114 21.58 5.25 -5.82
CA SER B 114 20.15 5.04 -5.60
C SER B 114 19.29 5.75 -6.65
N VAL B 115 18.73 4.97 -7.57
CA VAL B 115 18.01 5.49 -8.72
C VAL B 115 16.76 4.66 -8.90
N VAL B 116 15.69 5.30 -9.37
CA VAL B 116 14.54 4.58 -9.85
C VAL B 116 14.16 5.12 -11.22
N TYR B 117 13.53 4.24 -12.00
CA TYR B 117 13.01 4.57 -13.31
C TYR B 117 11.48 4.57 -13.27
N ILE B 118 10.89 5.43 -14.08
CA ILE B 118 9.43 5.56 -14.13
C ILE B 118 9.00 5.23 -15.54
N GLY B 119 8.11 4.26 -15.69
CA GLY B 119 7.49 3.97 -16.98
C GLY B 119 6.05 4.45 -16.98
N VAL B 120 5.59 4.96 -18.11
CA VAL B 120 4.18 5.29 -18.32
C VAL B 120 3.78 4.68 -19.65
N ASP B 121 2.93 3.66 -19.60
CA ASP B 121 2.58 2.88 -20.79
C ASP B 121 3.84 2.40 -21.52
N ASN B 122 4.05 2.73 -22.81
CA ASN B 122 5.17 2.17 -23.56
C ASN B 122 6.42 3.06 -23.50
N THR B 123 6.48 3.99 -22.57
CA THR B 123 7.48 5.04 -22.57
C THR B 123 8.27 5.01 -21.28
N LEU B 124 9.59 5.05 -21.39
CA LEU B 124 10.42 5.37 -20.22
C LEU B 124 10.32 6.87 -20.00
N ALA B 125 9.69 7.26 -18.90
CA ALA B 125 9.28 8.65 -18.74
C ALA B 125 10.24 9.47 -17.89
N ALA B 126 11.00 8.86 -16.99
CA ALA B 126 11.90 9.59 -16.11
C ALA B 126 12.88 8.64 -15.43
N VAL B 127 14.01 9.23 -15.02
CA VAL B 127 14.93 8.63 -14.08
C VAL B 127 15.01 9.55 -12.88
N ILE B 128 14.84 8.99 -11.68
CA ILE B 128 14.84 9.77 -10.45
C ILE B 128 16.01 9.31 -9.59
N ARG B 129 16.85 10.25 -9.18
CA ARG B 129 17.93 9.98 -8.24
C ARG B 129 17.51 10.44 -6.84
N PHE B 130 18.13 9.81 -5.84
CA PHE B 130 17.88 10.09 -4.44
C PHE B 130 19.20 10.23 -3.69
N GLU B 131 19.17 11.03 -2.64
CA GLU B 131 20.35 11.34 -1.84
C GLU B 131 19.92 11.47 -0.38
#